data_4WY2
#
_entry.id   4WY2
#
_cell.length_a   107.877
_cell.length_b   107.877
_cell.length_c   74.923
_cell.angle_alpha   90.000
_cell.angle_beta   90.000
_cell.angle_gamma   90.000
#
_symmetry.space_group_name_H-M   'P 43 21 2'
#
loop_
_entity.id
_entity.type
_entity.pdbx_description
1 polymer 'Universal stress protein E'
2 non-polymer "uridine-5'-diphosphate-3-O-(R-3-hydroxymyristoyl)-N-acetyl-D-glucosamine"
3 non-polymer GLYCEROL
4 non-polymer 'CHLORIDE ION'
5 non-polymer 'SULFATE ION'
6 water water
#
_entity_poly.entity_id   1
_entity_poly.type   'polypeptide(L)'
_entity_poly.pdbx_seq_one_letter_code
;SNAMEKYQNLLVVIDPNQDDQPALRRAVYIVQRNGGRIKAFLPVYDLSYDMTTLLSPDERNAMRKGVINQKTAWIKQQAR
YYLEAGIQIDIKVIWHNRPYEAIIEEVITDKHDLLIKMAHQHDKLGSLIFTPLDWQLLRKCPAPVWMVKDKEWPEYGTIV
VAANLSNEESYHDALNLKLIELTNDLSHRIQKDPDVHLLSAYPVAPINIAIELPDFDPNLYNNALRGQHLIAMKELRQKF
SIPEEKTHVKEGLPEQVIPQVCEELNAGIVVLGILGRTGLSAAFLGNTAEQLIDHIKCDLLAIKPDGFTCPITVDSDNE
;
_entity_poly.pdbx_strand_id   A
#
loop_
_chem_comp.id
_chem_comp.type
_chem_comp.name
_chem_comp.formula
CL non-polymer 'CHLORIDE ION' 'Cl -1'
GOL non-polymer GLYCEROL 'C3 H8 O3'
SO4 non-polymer 'SULFATE ION' 'O4 S -2'
U20 non-polymer uridine-5'-diphosphate-3-O-(R-3-hydroxymyristoyl)-N-acetyl-D-glucosamine 'C31 H53 N3 O19 P2'
#
# COMPACT_ATOMS: atom_id res chain seq x y z
N GLU A 5 -19.25 -8.92 -7.46
CA GLU A 5 -17.97 -8.94 -8.24
C GLU A 5 -17.26 -7.57 -8.22
N LYS A 6 -16.31 -7.40 -7.28
CA LYS A 6 -15.45 -6.22 -7.19
C LYS A 6 -14.03 -6.70 -6.98
N TYR A 7 -13.06 -5.80 -7.17
CA TYR A 7 -11.64 -6.14 -7.02
C TYR A 7 -11.26 -7.31 -7.91
N GLN A 8 -11.83 -7.34 -9.11
CA GLN A 8 -11.66 -8.44 -10.07
C GLN A 8 -10.48 -8.26 -10.99
N ASN A 9 -9.91 -7.06 -11.07
CA ASN A 9 -8.96 -6.73 -12.09
C ASN A 9 -7.59 -6.30 -11.48
N LEU A 10 -6.73 -7.29 -11.21
CA LEU A 10 -5.58 -7.08 -10.36
C LEU A 10 -4.33 -6.86 -11.20
N LEU A 11 -3.47 -5.95 -10.76
CA LEU A 11 -2.19 -5.69 -11.42
CA LEU A 11 -2.18 -5.75 -11.44
C LEU A 11 -1.08 -6.15 -10.48
N VAL A 12 -0.25 -7.08 -10.96
CA VAL A 12 0.92 -7.52 -10.25
C VAL A 12 2.16 -6.89 -10.89
N VAL A 13 2.97 -6.23 -10.09
CA VAL A 13 4.25 -5.67 -10.53
C VAL A 13 5.31 -6.74 -10.29
N ILE A 14 5.80 -7.35 -11.37
CA ILE A 14 6.78 -8.43 -11.29
C ILE A 14 8.14 -7.83 -10.87
N ASP A 15 8.83 -8.54 -9.98
CA ASP A 15 10.19 -8.16 -9.60
C ASP A 15 11.19 -8.87 -10.51
N PRO A 16 11.95 -8.10 -11.31
CA PRO A 16 12.85 -8.71 -12.29
C PRO A 16 14.11 -9.30 -11.70
N ASN A 17 14.37 -9.07 -10.41
CA ASN A 17 15.63 -9.48 -9.84
C ASN A 17 15.65 -10.81 -9.12
N GLN A 18 14.52 -11.52 -9.09
CA GLN A 18 14.48 -12.86 -8.58
C GLN A 18 13.36 -13.63 -9.28
N ASP A 19 13.40 -14.96 -9.21
CA ASP A 19 12.40 -15.78 -9.89
C ASP A 19 11.08 -15.77 -9.18
N ASP A 20 11.07 -16.19 -7.91
CA ASP A 20 9.83 -16.31 -7.18
C ASP A 20 9.16 -14.93 -7.03
N GLN A 21 7.83 -14.90 -7.17
CA GLN A 21 7.06 -13.67 -7.20
C GLN A 21 6.01 -13.67 -6.10
N PRO A 22 6.41 -13.20 -4.90
CA PRO A 22 5.38 -13.11 -3.86
C PRO A 22 4.15 -12.26 -4.21
N ALA A 23 4.31 -11.25 -5.05
CA ALA A 23 3.16 -10.40 -5.44
C ALA A 23 2.20 -11.23 -6.27
N LEU A 24 2.73 -12.09 -7.15
CA LEU A 24 1.87 -12.99 -7.95
C LEU A 24 1.14 -14.00 -7.10
N ARG A 25 1.86 -14.62 -6.17
CA ARG A 25 1.26 -15.57 -5.24
C ARG A 25 0.07 -14.97 -4.47
N ARG A 26 0.24 -13.74 -3.96
CA ARG A 26 -0.79 -13.08 -3.21
C ARG A 26 -2.01 -12.85 -4.10
N ALA A 27 -1.76 -12.37 -5.31
CA ALA A 27 -2.87 -12.15 -6.28
C ALA A 27 -3.64 -13.42 -6.60
N VAL A 28 -2.92 -14.53 -6.70
CA VAL A 28 -3.56 -15.82 -6.95
C VAL A 28 -4.44 -16.21 -5.77
N TYR A 29 -3.91 -16.05 -4.57
CA TYR A 29 -4.66 -16.35 -3.37
C TYR A 29 -5.99 -15.58 -3.38
N ILE A 30 -5.93 -14.31 -3.78
CA ILE A 30 -7.11 -13.44 -3.83
C ILE A 30 -8.11 -13.98 -4.86
N VAL A 31 -7.63 -14.25 -6.08
CA VAL A 31 -8.51 -14.63 -7.19
C VAL A 31 -9.19 -16.00 -6.96
N GLN A 32 -8.50 -16.90 -6.26
CA GLN A 32 -9.06 -18.19 -5.91
C GLN A 32 -10.26 -18.04 -5.00
N ARG A 33 -10.24 -16.98 -4.19
CA ARG A 33 -11.32 -16.77 -3.25
C ARG A 33 -12.40 -15.81 -3.72
N ASN A 34 -12.08 -14.91 -4.62
CA ASN A 34 -12.98 -13.84 -5.00
C ASN A 34 -13.18 -13.72 -6.51
N GLY A 35 -12.58 -14.62 -7.27
CA GLY A 35 -12.66 -14.58 -8.73
C GLY A 35 -11.80 -13.49 -9.33
N GLY A 36 -11.82 -13.41 -10.65
CA GLY A 36 -11.19 -12.30 -11.35
C GLY A 36 -10.01 -12.74 -12.20
N ARG A 37 -9.13 -11.77 -12.48
CA ARG A 37 -7.98 -12.00 -13.34
C ARG A 37 -6.85 -11.12 -12.91
N ILE A 38 -5.66 -11.50 -13.37
CA ILE A 38 -4.40 -10.90 -12.98
C ILE A 38 -3.63 -10.49 -14.22
N LYS A 39 -3.08 -9.29 -14.20
CA LYS A 39 -2.09 -8.88 -15.17
C LYS A 39 -0.71 -8.88 -14.53
N ALA A 40 0.19 -9.72 -15.01
CA ALA A 40 1.57 -9.76 -14.52
C ALA A 40 2.34 -8.81 -15.42
N PHE A 41 2.77 -7.68 -14.87
CA PHE A 41 3.28 -6.59 -15.65
C PHE A 41 4.77 -6.33 -15.35
N LEU A 42 5.55 -6.17 -16.41
CA LEU A 42 6.98 -5.80 -16.28
C LEU A 42 7.44 -4.86 -17.39
N PRO A 43 7.87 -3.63 -17.04
CA PRO A 43 8.51 -2.73 -18.00
C PRO A 43 10.00 -3.04 -18.07
N VAL A 44 10.52 -3.20 -19.29
CA VAL A 44 11.89 -3.63 -19.48
C VAL A 44 12.58 -2.68 -20.45
N TYR A 45 13.90 -2.74 -20.47
CA TYR A 45 14.71 -1.86 -21.37
C TYR A 45 16.12 -2.42 -21.45
N ASP A 46 17.01 -1.80 -22.21
CA ASP A 46 18.37 -2.28 -22.28
C ASP A 46 19.23 -1.11 -22.76
N LEU A 47 20.44 -1.01 -22.23
CA LEU A 47 21.36 0.09 -22.59
C LEU A 47 21.56 0.20 -24.12
N SER A 48 21.64 -0.95 -24.81
CA SER A 48 21.80 -0.95 -26.27
C SER A 48 20.82 -0.03 -26.99
N TYR A 49 19.60 0.13 -26.46
CA TYR A 49 18.61 0.94 -27.13
C TYR A 49 19.01 2.40 -27.22
N ASP A 50 19.87 2.85 -26.31
CA ASP A 50 20.28 4.23 -26.28
C ASP A 50 21.60 4.45 -27.01
N MET A 51 22.16 3.41 -27.57
CA MET A 51 23.49 3.50 -28.24
C MET A 51 23.19 3.73 -29.72
N THR A 52 22.68 4.92 -30.02
CA THR A 52 22.10 5.18 -31.33
C THR A 52 23.10 5.50 -32.43
N THR A 53 24.38 5.79 -32.10
CA THR A 53 25.40 5.92 -33.07
C THR A 53 26.06 4.55 -33.35
N LEU A 54 26.42 3.85 -32.28
CA LEU A 54 27.05 2.52 -32.40
C LEU A 54 26.18 1.45 -33.07
N LEU A 55 24.89 1.47 -32.79
CA LEU A 55 23.92 0.53 -33.37
C LEU A 55 22.83 1.20 -34.20
N SER A 56 22.39 0.50 -35.23
CA SER A 56 21.31 0.91 -36.11
C SER A 56 19.95 0.70 -35.46
N PRO A 57 18.91 1.31 -36.00
CA PRO A 57 17.54 1.06 -35.47
C PRO A 57 17.16 -0.44 -35.52
N ASP A 58 17.51 -1.10 -36.61
CA ASP A 58 17.21 -2.55 -36.75
C ASP A 58 17.95 -3.41 -35.72
N GLU A 59 19.22 -3.07 -35.46
CA GLU A 59 20.03 -3.73 -34.45
C GLU A 59 19.46 -3.54 -33.05
N ARG A 60 19.05 -2.31 -32.74
CA ARG A 60 18.52 -2.00 -31.45
C ARG A 60 17.15 -2.68 -31.28
N ASN A 61 16.40 -2.73 -32.35
CA ASN A 61 15.07 -3.37 -32.29
C ASN A 61 15.12 -4.88 -32.16
N ALA A 62 16.13 -5.49 -32.75
CA ALA A 62 16.43 -6.92 -32.57
C ALA A 62 16.72 -7.20 -31.10
N MET A 63 17.53 -6.35 -30.45
CA MET A 63 17.83 -6.53 -29.05
C MET A 63 16.57 -6.33 -28.17
N ARG A 64 15.77 -5.32 -28.50
CA ARG A 64 14.53 -5.02 -27.83
C ARG A 64 13.59 -6.25 -27.85
N LYS A 65 13.38 -6.77 -29.05
CA LYS A 65 12.46 -7.93 -29.19
C LYS A 65 13.00 -9.14 -28.45
N GLY A 66 14.34 -9.33 -28.48
CA GLY A 66 14.94 -10.40 -27.73
C GLY A 66 14.62 -10.32 -26.22
N VAL A 67 14.73 -9.13 -25.62
CA VAL A 67 14.50 -8.92 -24.22
C VAL A 67 13.01 -9.20 -23.89
N ILE A 68 12.13 -8.61 -24.68
CA ILE A 68 10.69 -8.86 -24.44
C ILE A 68 10.37 -10.37 -24.53
N ASN A 69 10.87 -11.03 -25.56
CA ASN A 69 10.66 -12.48 -25.76
C ASN A 69 11.09 -13.27 -24.51
N GLN A 70 12.32 -13.00 -24.08
CA GLN A 70 12.91 -13.73 -22.98
C GLN A 70 12.17 -13.49 -21.68
N LYS A 71 11.88 -12.22 -21.38
CA LYS A 71 11.25 -11.89 -20.12
C LYS A 71 9.82 -12.41 -20.10
N THR A 72 9.12 -12.36 -21.22
CA THR A 72 7.72 -12.91 -21.30
C THR A 72 7.72 -14.41 -20.95
N ALA A 73 8.63 -15.17 -21.55
CA ALA A 73 8.74 -16.62 -21.29
C ALA A 73 9.14 -16.91 -19.83
N TRP A 74 10.00 -16.07 -19.26
CA TRP A 74 10.45 -16.21 -17.87
C TRP A 74 9.28 -16.01 -16.94
N ILE A 75 8.45 -15.01 -17.21
CA ILE A 75 7.27 -14.83 -16.35
C ILE A 75 6.33 -16.03 -16.46
N LYS A 76 6.12 -16.51 -17.67
CA LYS A 76 5.23 -17.67 -17.87
C LYS A 76 5.71 -18.90 -17.09
N GLN A 77 7.03 -19.11 -17.07
CA GLN A 77 7.65 -20.19 -16.29
C GLN A 77 7.30 -20.07 -14.80
N GLN A 78 7.40 -18.87 -14.24
CA GLN A 78 6.99 -18.65 -12.85
C GLN A 78 5.48 -18.86 -12.63
N ALA A 79 4.67 -18.50 -13.61
CA ALA A 79 3.21 -18.57 -13.50
C ALA A 79 2.61 -19.94 -13.88
N ARG A 80 3.44 -20.90 -14.29
CA ARG A 80 2.92 -22.08 -14.99
C ARG A 80 1.98 -22.97 -14.16
N TYR A 81 2.27 -23.14 -12.87
CA TYR A 81 1.37 -23.97 -12.03
C TYR A 81 0.02 -23.27 -11.82
N TYR A 82 0.05 -21.97 -11.61
CA TYR A 82 -1.19 -21.17 -11.51
C TYR A 82 -2.03 -21.25 -12.78
N LEU A 83 -1.38 -21.10 -13.92
CA LEU A 83 -2.04 -21.17 -15.21
C LEU A 83 -2.73 -22.50 -15.45
N GLU A 84 -2.03 -23.60 -15.12
CA GLU A 84 -2.57 -24.94 -15.30
C GLU A 84 -3.78 -25.18 -14.41
N ALA A 85 -3.78 -24.55 -13.24
CA ALA A 85 -4.88 -24.63 -12.28
C ALA A 85 -6.09 -23.82 -12.71
N GLY A 86 -5.96 -23.03 -13.78
CA GLY A 86 -7.08 -22.30 -14.34
C GLY A 86 -7.16 -20.83 -13.96
N ILE A 87 -6.13 -20.30 -13.29
CA ILE A 87 -6.13 -18.89 -12.93
C ILE A 87 -5.85 -18.05 -14.17
N GLN A 88 -6.62 -16.98 -14.35
CA GLN A 88 -6.47 -16.15 -15.52
C GLN A 88 -5.34 -15.15 -15.30
N ILE A 89 -4.18 -15.41 -15.91
CA ILE A 89 -3.02 -14.51 -15.81
C ILE A 89 -2.60 -14.01 -17.18
N ASP A 90 -2.77 -12.72 -17.42
CA ASP A 90 -2.32 -12.08 -18.66
C ASP A 90 -0.92 -11.48 -18.45
N ILE A 91 0.08 -11.95 -19.19
CA ILE A 91 1.45 -11.52 -19.00
C ILE A 91 1.67 -10.33 -19.94
N LYS A 92 2.16 -9.22 -19.40
CA LYS A 92 2.38 -8.03 -20.19
C LYS A 92 3.76 -7.46 -19.95
N VAL A 93 4.64 -7.63 -20.90
CA VAL A 93 5.99 -7.07 -20.82
C VAL A 93 6.07 -5.97 -21.87
N ILE A 94 6.46 -4.75 -21.49
CA ILE A 94 6.53 -3.67 -22.48
C ILE A 94 7.89 -2.99 -22.39
N TRP A 95 8.27 -2.31 -23.45
CA TRP A 95 9.57 -1.57 -23.53
C TRP A 95 9.39 -0.15 -22.94
N HIS A 96 10.07 0.14 -21.84
CA HIS A 96 9.92 1.43 -21.17
C HIS A 96 11.07 1.64 -20.21
N ASN A 97 11.72 2.79 -20.28
CA ASN A 97 12.87 3.07 -19.43
C ASN A 97 12.55 3.79 -18.11
N ARG A 98 11.27 4.00 -17.79
CA ARG A 98 10.89 4.67 -16.53
C ARG A 98 9.77 3.87 -15.87
N PRO A 99 10.15 2.84 -15.13
CA PRO A 99 9.17 1.87 -14.63
C PRO A 99 8.00 2.47 -13.89
N TYR A 100 8.21 3.43 -13.00
CA TYR A 100 7.05 3.95 -12.27
C TYR A 100 5.98 4.57 -13.16
N GLU A 101 6.43 5.26 -14.19
CA GLU A 101 5.54 5.83 -15.18
C GLU A 101 4.78 4.76 -15.96
N ALA A 102 5.52 3.81 -16.50
CA ALA A 102 4.90 2.65 -17.18
C ALA A 102 3.81 1.99 -16.31
N ILE A 103 4.14 1.68 -15.06
CA ILE A 103 3.21 0.98 -14.16
C ILE A 103 1.91 1.80 -13.93
N ILE A 104 2.08 3.06 -13.59
CA ILE A 104 0.95 3.94 -13.30
C ILE A 104 0.06 4.17 -14.54
N GLU A 105 0.67 4.31 -15.71
CA GLU A 105 -0.10 4.39 -16.96
C GLU A 105 -0.97 3.13 -17.15
N GLU A 106 -0.43 1.97 -16.79
CA GLU A 106 -1.18 0.71 -16.89
C GLU A 106 -2.39 0.69 -15.94
N VAL A 107 -2.16 1.17 -14.72
CA VAL A 107 -3.24 1.32 -13.77
C VAL A 107 -4.37 2.22 -14.28
N ILE A 108 -4.00 3.37 -14.85
CA ILE A 108 -4.98 4.37 -15.31
C ILE A 108 -5.75 3.83 -16.53
N THR A 109 -5.00 3.35 -17.51
CA THR A 109 -5.59 2.90 -18.75
C THR A 109 -6.53 1.70 -18.59
N ASP A 110 -6.18 0.74 -17.76
CA ASP A 110 -7.00 -0.47 -17.65
C ASP A 110 -7.82 -0.53 -16.37
N LYS A 111 -7.84 0.59 -15.66
CA LYS A 111 -8.66 0.74 -14.45
C LYS A 111 -8.50 -0.42 -13.48
N HIS A 112 -7.27 -0.75 -13.16
CA HIS A 112 -6.99 -1.78 -12.19
C HIS A 112 -7.47 -1.41 -10.79
N ASP A 113 -8.00 -2.40 -10.12
CA ASP A 113 -8.58 -2.24 -8.82
C ASP A 113 -7.56 -2.19 -7.70
N LEU A 114 -6.42 -2.86 -7.88
CA LEU A 114 -5.39 -3.02 -6.86
C LEU A 114 -4.08 -3.21 -7.59
N LEU A 115 -3.04 -2.60 -7.07
CA LEU A 115 -1.70 -2.87 -7.52
C LEU A 115 -1.03 -3.67 -6.40
N ILE A 116 -0.41 -4.80 -6.74
CA ILE A 116 0.28 -5.66 -5.76
C ILE A 116 1.75 -5.76 -6.11
N LYS A 117 2.63 -5.48 -5.15
CA LYS A 117 4.07 -5.50 -5.37
C LYS A 117 4.79 -6.00 -4.11
N MET A 118 5.84 -6.79 -4.30
CA MET A 118 6.58 -7.33 -3.19
C MET A 118 7.58 -6.31 -2.64
N ALA A 119 7.75 -6.36 -1.33
CA ALA A 119 8.84 -5.67 -0.67
C ALA A 119 9.61 -6.65 0.21
N HIS A 120 10.94 -6.51 0.23
CA HIS A 120 11.80 -7.35 1.06
C HIS A 120 11.79 -6.98 2.55
N GLN A 121 11.84 -7.99 3.39
CA GLN A 121 12.14 -7.81 4.82
C GLN A 121 13.29 -8.76 5.16
N HIS A 122 14.42 -8.23 5.63
CA HIS A 122 15.58 -9.09 5.86
C HIS A 122 15.51 -9.93 7.14
N ASP A 123 15.24 -9.32 8.30
CA ASP A 123 15.20 -10.05 9.58
C ASP A 123 13.75 -10.21 10.03
N LYS A 124 13.54 -11.05 11.05
CA LYS A 124 12.22 -11.19 11.66
C LYS A 124 11.78 -9.86 12.29
N LEU A 125 12.69 -9.23 13.01
CA LEU A 125 12.41 -7.97 13.70
C LEU A 125 12.54 -6.73 12.79
N GLY A 126 12.79 -6.93 11.48
CA GLY A 126 13.15 -5.84 10.56
C GLY A 126 12.01 -5.16 9.81
N SER A 127 12.25 -3.90 9.44
CA SER A 127 11.34 -3.12 8.62
C SER A 127 11.37 -3.58 7.18
N LEU A 128 10.28 -3.34 6.46
CA LEU A 128 10.25 -3.55 5.02
C LEU A 128 11.26 -2.60 4.36
N ILE A 129 11.88 -3.07 3.29
CA ILE A 129 12.84 -2.30 2.51
C ILE A 129 12.10 -1.80 1.29
N PHE A 130 12.11 -0.48 1.08
CA PHE A 130 11.43 0.15 -0.03
C PHE A 130 12.41 0.76 -0.98
N THR A 131 12.27 0.42 -2.25
CA THR A 131 13.18 0.96 -3.27
C THR A 131 12.65 2.32 -3.71
N PRO A 132 13.43 3.09 -4.48
CA PRO A 132 12.89 4.34 -5.03
C PRO A 132 11.64 4.12 -5.94
N LEU A 133 11.56 2.98 -6.62
CA LEU A 133 10.39 2.67 -7.40
C LEU A 133 9.18 2.49 -6.45
N ASP A 134 9.35 1.75 -5.35
CA ASP A 134 8.26 1.59 -4.37
C ASP A 134 7.75 2.93 -3.89
N TRP A 135 8.65 3.84 -3.54
CA TRP A 135 8.26 5.15 -3.12
C TRP A 135 7.51 5.93 -4.18
N GLN A 136 7.95 5.84 -5.43
CA GLN A 136 7.24 6.51 -6.51
C GLN A 136 5.79 5.99 -6.61
N LEU A 137 5.62 4.68 -6.50
CA LEU A 137 4.28 4.09 -6.58
C LEU A 137 3.36 4.50 -5.39
N LEU A 138 3.91 4.45 -4.19
CA LEU A 138 3.20 4.89 -3.00
C LEU A 138 2.75 6.34 -3.10
N ARG A 139 3.66 7.20 -3.58
CA ARG A 139 3.39 8.63 -3.74
C ARG A 139 2.37 8.93 -4.85
N LYS A 140 2.45 8.18 -5.95
CA LYS A 140 1.77 8.58 -7.20
C LYS A 140 0.69 7.67 -7.77
N CYS A 141 0.64 6.40 -7.41
CA CYS A 141 -0.34 5.50 -8.00
C CYS A 141 -1.74 5.82 -7.48
N PRO A 142 -2.72 6.04 -8.37
CA PRO A 142 -4.06 6.35 -7.88
C PRO A 142 -4.83 5.15 -7.28
N ALA A 143 -4.49 3.94 -7.67
CA ALA A 143 -5.17 2.76 -7.11
C ALA A 143 -4.53 2.35 -5.79
N PRO A 144 -5.27 1.58 -4.96
CA PRO A 144 -4.65 1.12 -3.74
C PRO A 144 -3.39 0.29 -4.02
N VAL A 145 -2.35 0.49 -3.23
CA VAL A 145 -1.09 -0.18 -3.43
C VAL A 145 -0.90 -1.12 -2.27
N TRP A 146 -0.78 -2.40 -2.60
CA TRP A 146 -0.57 -3.46 -1.60
C TRP A 146 0.89 -3.92 -1.67
N MET A 147 1.68 -3.53 -0.67
CA MET A 147 3.07 -3.97 -0.56
C MET A 147 3.08 -5.25 0.25
N VAL A 148 3.46 -6.34 -0.42
CA VAL A 148 3.46 -7.68 0.12
C VAL A 148 4.85 -8.01 0.63
N LYS A 149 5.00 -8.22 1.93
CA LYS A 149 6.31 -8.63 2.41
C LYS A 149 6.60 -10.06 2.00
N ASP A 150 7.89 -10.30 1.73
CA ASP A 150 8.32 -11.59 1.20
C ASP A 150 8.53 -12.62 2.31
N LYS A 151 7.52 -12.75 3.18
CA LYS A 151 7.54 -13.70 4.29
C LYS A 151 6.13 -14.23 4.49
N GLU A 152 6.03 -15.35 5.20
CA GLU A 152 4.72 -15.96 5.40
C GLU A 152 3.79 -15.01 6.13
N TRP A 153 2.51 -15.06 5.76
CA TRP A 153 1.46 -14.35 6.44
C TRP A 153 1.30 -15.00 7.82
N PRO A 154 1.23 -14.19 8.88
CA PRO A 154 1.14 -14.77 10.22
C PRO A 154 -0.18 -15.48 10.43
N GLU A 155 -0.13 -16.66 11.05
CA GLU A 155 -1.36 -17.36 11.39
C GLU A 155 -2.16 -16.51 12.36
N TYR A 156 -3.46 -16.42 12.09
CA TYR A 156 -4.39 -15.58 12.84
C TYR A 156 -4.00 -14.10 12.75
N GLY A 157 -3.36 -13.73 11.64
CA GLY A 157 -2.93 -12.35 11.48
C GLY A 157 -4.12 -11.43 11.46
N THR A 158 -3.97 -10.28 12.11
CA THR A 158 -5.03 -9.28 12.13
C THR A 158 -4.86 -8.29 11.00
N ILE A 159 -5.95 -7.54 10.78
CA ILE A 159 -6.00 -6.49 9.77
C ILE A 159 -6.17 -5.18 10.53
N VAL A 160 -5.16 -4.30 10.47
CA VAL A 160 -5.21 -3.05 11.25
C VAL A 160 -5.40 -1.82 10.36
N VAL A 161 -6.47 -1.07 10.59
CA VAL A 161 -6.72 0.16 9.88
C VAL A 161 -6.23 1.30 10.73
N ALA A 162 -5.27 2.07 10.20
CA ALA A 162 -4.74 3.24 10.90
C ALA A 162 -5.49 4.49 10.43
N ALA A 163 -6.38 5.02 11.28
CA ALA A 163 -7.18 6.18 10.94
C ALA A 163 -6.46 7.46 11.37
N ASN A 164 -6.70 8.55 10.65
CA ASN A 164 -6.20 9.86 11.07
C ASN A 164 -7.35 10.56 11.77
N LEU A 165 -7.30 10.56 13.10
CA LEU A 165 -8.34 11.17 13.90
C LEU A 165 -7.89 12.53 14.48
N SER A 166 -6.68 12.98 14.11
CA SER A 166 -6.14 14.25 14.63
C SER A 166 -6.47 15.43 13.75
N ASN A 167 -6.10 15.35 12.47
CA ASN A 167 -6.19 16.50 11.62
C ASN A 167 -7.62 16.96 11.42
N GLU A 168 -7.76 18.27 11.33
CA GLU A 168 -9.08 18.90 11.42
C GLU A 168 -9.83 19.01 10.10
N GLU A 169 -9.13 18.89 8.98
CA GLU A 169 -9.76 19.04 7.67
C GLU A 169 -10.74 17.90 7.40
N SER A 170 -11.85 18.22 6.76
CA SER A 170 -12.93 17.22 6.52
C SER A 170 -12.56 16.06 5.59
N TYR A 171 -11.60 16.26 4.71
CA TYR A 171 -11.19 15.18 3.83
C TYR A 171 -10.62 13.99 4.60
N HIS A 172 -10.09 14.20 5.80
CA HIS A 172 -9.61 13.07 6.57
C HIS A 172 -10.72 12.09 6.90
N ASP A 173 -11.85 12.62 7.35
CA ASP A 173 -12.97 11.76 7.71
C ASP A 173 -13.44 10.93 6.53
N ALA A 174 -13.59 11.55 5.37
CA ALA A 174 -14.00 10.80 4.19
C ALA A 174 -13.02 9.69 3.85
N LEU A 175 -11.74 10.00 3.97
CA LEU A 175 -10.72 9.01 3.70
C LEU A 175 -10.75 7.88 4.75
N ASN A 176 -10.98 8.21 6.04
CA ASN A 176 -11.08 7.17 7.06
C ASN A 176 -12.24 6.22 6.70
N LEU A 177 -13.36 6.77 6.26
CA LEU A 177 -14.50 5.93 5.87
C LEU A 177 -14.17 5.03 4.73
N LYS A 178 -13.46 5.57 3.74
CA LYS A 178 -13.07 4.81 2.58
C LYS A 178 -12.15 3.64 3.00
N LEU A 179 -11.21 3.89 3.92
CA LEU A 179 -10.29 2.84 4.37
C LEU A 179 -11.04 1.65 4.94
N ILE A 180 -12.01 1.94 5.81
CA ILE A 180 -12.71 0.89 6.57
C ILE A 180 -13.72 0.17 5.69
N GLU A 181 -14.44 0.90 4.84
CA GLU A 181 -15.38 0.28 3.90
C GLU A 181 -14.66 -0.70 2.97
N LEU A 182 -13.48 -0.31 2.50
CA LEU A 182 -12.69 -1.15 1.63
C LEU A 182 -12.13 -2.32 2.43
N THR A 183 -11.63 -2.06 3.62
CA THR A 183 -11.04 -3.13 4.43
C THR A 183 -12.10 -4.18 4.75
N ASN A 184 -13.27 -3.74 5.14
CA ASN A 184 -14.34 -4.70 5.45
C ASN A 184 -14.81 -5.50 4.26
N ASP A 185 -15.00 -4.82 3.13
CA ASP A 185 -15.43 -5.47 1.91
C ASP A 185 -14.39 -6.49 1.41
N LEU A 186 -13.17 -6.03 1.19
CA LEU A 186 -12.13 -6.90 0.65
C LEU A 186 -11.75 -8.05 1.60
N SER A 187 -11.64 -7.78 2.90
CA SER A 187 -11.23 -8.83 3.84
C SER A 187 -12.26 -9.97 3.88
N HIS A 188 -13.53 -9.60 3.77
CA HIS A 188 -14.59 -10.59 3.84
C HIS A 188 -14.67 -11.39 2.57
N ARG A 189 -14.17 -10.82 1.45
CA ARG A 189 -14.14 -11.56 0.19
C ARG A 189 -13.02 -12.60 0.16
N ILE A 190 -12.01 -12.38 0.99
CA ILE A 190 -10.79 -13.18 0.98
C ILE A 190 -10.71 -14.14 2.13
N GLN A 191 -11.19 -13.74 3.32
CA GLN A 191 -11.07 -14.54 4.52
C GLN A 191 -12.46 -14.90 5.04
N LYS A 192 -12.57 -16.06 5.64
CA LYS A 192 -13.84 -16.51 6.19
C LYS A 192 -14.18 -15.80 7.51
N ASP A 193 -13.18 -15.36 8.26
CA ASP A 193 -13.38 -14.71 9.55
C ASP A 193 -12.32 -13.62 9.81
N PRO A 194 -12.35 -12.54 9.01
CA PRO A 194 -11.29 -11.53 9.15
C PRO A 194 -11.32 -10.85 10.49
N ASP A 195 -10.14 -10.52 11.02
CA ASP A 195 -10.01 -9.97 12.36
C ASP A 195 -9.59 -8.52 12.22
N VAL A 196 -10.57 -7.62 12.09
CA VAL A 196 -10.25 -6.22 11.80
C VAL A 196 -10.22 -5.38 13.07
N HIS A 197 -9.13 -4.63 13.20
CA HIS A 197 -8.96 -3.65 14.27
C HIS A 197 -8.79 -2.22 13.74
N LEU A 198 -9.15 -1.22 14.57
CA LEU A 198 -8.96 0.16 14.23
C LEU A 198 -7.95 0.76 15.21
N LEU A 199 -7.05 1.59 14.68
CA LEU A 199 -5.95 2.14 15.47
C LEU A 199 -5.75 3.62 15.11
N SER A 200 -5.61 4.47 16.15
CA SER A 200 -5.13 5.86 15.98
C SER A 200 -4.03 6.18 17.00
N ALA A 201 -3.21 7.16 16.66
CA ALA A 201 -2.08 7.60 17.51
C ALA A 201 -2.04 9.13 17.49
N TYR A 202 -1.83 9.74 18.65
CA TYR A 202 -1.69 11.19 18.71
C TYR A 202 -0.46 11.52 19.58
N PRO A 203 0.36 12.47 19.16
CA PRO A 203 1.49 12.95 19.96
C PRO A 203 1.06 14.02 20.96
N VAL A 204 1.85 14.21 22.00
CA VAL A 204 1.55 15.24 23.01
C VAL A 204 2.27 16.57 22.72
N ALA A 205 1.85 17.60 23.43
CA ALA A 205 2.43 18.93 23.24
C ALA A 205 3.92 18.87 23.61
N PRO A 206 4.76 19.61 22.88
CA PRO A 206 6.20 19.64 23.14
C PRO A 206 6.68 20.63 24.21
N ILE A 207 5.77 21.19 24.96
CA ILE A 207 6.10 22.17 26.00
C ILE A 207 5.36 21.85 27.31
N ASN A 208 5.84 22.41 28.41
CA ASN A 208 5.19 22.28 29.71
C ASN A 208 4.37 23.50 30.10
N ILE A 209 4.75 24.65 29.56
CA ILE A 209 4.21 25.94 29.94
C ILE A 209 4.54 26.87 28.79
N ALA A 210 3.73 27.93 28.63
CA ALA A 210 3.96 28.93 27.61
C ALA A 210 4.35 30.27 28.23
N ILE A 211 5.54 30.82 27.91
CA ILE A 211 6.00 32.06 28.55
C ILE A 211 5.05 33.22 28.30
N GLU A 212 4.47 33.31 27.11
CA GLU A 212 3.62 34.47 26.88
C GLU A 212 2.15 34.27 27.35
N LEU A 213 1.77 33.08 27.80
CA LEU A 213 0.35 32.70 28.02
C LEU A 213 0.10 32.07 29.39
N PRO A 214 0.00 32.88 30.45
CA PRO A 214 0.10 32.33 31.80
C PRO A 214 -1.05 31.38 32.14
N ASP A 215 -2.21 31.53 31.49
CA ASP A 215 -3.35 30.63 31.79
C ASP A 215 -3.41 29.38 30.92
N PHE A 216 -2.47 29.22 29.98
CA PHE A 216 -2.50 28.03 29.14
C PHE A 216 -1.90 26.83 29.87
N ASP A 217 -2.60 25.70 29.75
CA ASP A 217 -2.13 24.40 30.27
C ASP A 217 -2.06 23.40 29.13
N PRO A 218 -0.84 23.11 28.65
CA PRO A 218 -0.67 22.16 27.54
C PRO A 218 -1.20 20.76 27.81
N ASN A 219 -1.28 20.36 29.08
CA ASN A 219 -1.88 19.06 29.43
C ASN A 219 -3.33 18.96 28.99
N LEU A 220 -4.03 20.09 29.00
CA LEU A 220 -5.43 20.09 28.61
C LEU A 220 -5.55 19.89 27.11
N TYR A 221 -4.57 20.39 26.36
CA TYR A 221 -4.53 20.09 24.92
C TYR A 221 -4.33 18.60 24.68
N ASN A 222 -3.41 17.96 25.41
CA ASN A 222 -3.20 16.50 25.26
C ASN A 222 -4.52 15.73 25.52
N ASN A 223 -5.26 16.15 26.55
CA ASN A 223 -6.49 15.45 26.93
C ASN A 223 -7.58 15.67 25.88
N ALA A 224 -7.61 16.88 25.33
CA ALA A 224 -8.58 17.22 24.25
C ALA A 224 -8.31 16.45 22.97
N LEU A 225 -7.04 16.31 22.59
CA LEU A 225 -6.72 15.53 21.40
C LEU A 225 -7.13 14.07 21.63
N ARG A 226 -6.83 13.53 22.80
CA ARG A 226 -7.30 12.19 23.14
C ARG A 226 -8.84 12.07 23.07
N GLY A 227 -9.56 13.04 23.61
CA GLY A 227 -11.01 12.99 23.60
C GLY A 227 -11.59 13.06 22.21
N GLN A 228 -10.96 13.87 21.36
CA GLN A 228 -11.33 13.95 19.94
C GLN A 228 -11.19 12.58 19.31
N HIS A 229 -10.06 11.94 19.54
CA HIS A 229 -9.86 10.57 19.02
C HIS A 229 -10.96 9.61 19.54
N LEU A 230 -11.26 9.65 20.83
CA LEU A 230 -12.21 8.65 21.40
C LEU A 230 -13.59 8.79 20.80
N ILE A 231 -14.05 10.03 20.62
CA ILE A 231 -15.36 10.25 20.01
C ILE A 231 -15.39 9.74 18.55
N ALA A 232 -14.35 10.10 17.79
CA ALA A 232 -14.29 9.68 16.38
C ALA A 232 -14.16 8.16 16.27
N MET A 233 -13.37 7.57 17.15
CA MET A 233 -13.17 6.13 17.11
C MET A 233 -14.49 5.38 17.38
N LYS A 234 -15.23 5.82 18.39
CA LYS A 234 -16.56 5.22 18.66
C LYS A 234 -17.50 5.31 17.46
N GLU A 235 -17.54 6.46 16.83
CA GLU A 235 -18.40 6.65 15.65
C GLU A 235 -18.01 5.65 14.53
N LEU A 236 -16.71 5.54 14.26
CA LEU A 236 -16.23 4.57 13.26
C LEU A 236 -16.62 3.13 13.62
N ARG A 237 -16.41 2.72 14.88
CA ARG A 237 -16.63 1.31 15.24
C ARG A 237 -18.11 0.96 15.14
N GLN A 238 -18.97 1.92 15.48
CA GLN A 238 -20.43 1.68 15.38
C GLN A 238 -20.92 1.60 13.94
N LYS A 239 -20.41 2.52 13.12
CA LYS A 239 -20.69 2.51 11.68
C LYS A 239 -20.28 1.20 11.01
N PHE A 240 -19.15 0.64 11.44
CA PHE A 240 -18.55 -0.49 10.71
C PHE A 240 -18.56 -1.80 11.48
N SER A 241 -19.41 -1.87 12.51
CA SER A 241 -19.54 -3.04 13.37
C SER A 241 -18.24 -3.67 13.83
N ILE A 242 -17.36 -2.83 14.38
CA ILE A 242 -16.13 -3.29 15.01
C ILE A 242 -16.32 -3.16 16.53
N PRO A 243 -16.03 -4.23 17.29
CA PRO A 243 -16.18 -4.21 18.74
C PRO A 243 -15.21 -3.25 19.41
N GLU A 244 -15.64 -2.63 20.51
CA GLU A 244 -14.78 -1.67 21.18
CA GLU A 244 -14.79 -1.69 21.26
C GLU A 244 -13.42 -2.28 21.54
N GLU A 245 -13.40 -3.57 21.86
CA GLU A 245 -12.16 -4.23 22.24
C GLU A 245 -11.14 -4.26 21.10
N LYS A 246 -11.59 -4.06 19.87
CA LYS A 246 -10.71 -4.06 18.71
C LYS A 246 -10.42 -2.65 18.19
N THR A 247 -10.60 -1.63 19.04
CA THR A 247 -10.24 -0.24 18.73
C THR A 247 -9.19 0.20 19.70
N HIS A 248 -8.26 1.04 19.24
CA HIS A 248 -7.08 1.37 20.02
C HIS A 248 -6.70 2.81 19.72
N VAL A 249 -6.75 3.65 20.75
CA VAL A 249 -6.31 5.04 20.64
C VAL A 249 -5.09 5.16 21.53
N LYS A 250 -3.95 5.54 20.94
CA LYS A 250 -2.66 5.43 21.58
C LYS A 250 -1.91 6.75 21.54
N GLU A 251 -1.24 7.05 22.63
CA GLU A 251 -0.45 8.27 22.72
C GLU A 251 0.95 8.03 22.19
N GLY A 252 1.44 8.91 21.32
CA GLY A 252 2.86 8.90 20.94
C GLY A 252 3.00 9.29 19.49
N LEU A 253 4.23 9.39 18.99
CA LEU A 253 4.49 9.74 17.59
C LEU A 253 3.90 8.66 16.69
N PRO A 254 3.02 9.02 15.75
CA PRO A 254 2.42 7.97 14.93
C PRO A 254 3.41 7.06 14.18
N GLU A 255 4.53 7.64 13.73
CA GLU A 255 5.51 6.85 12.97
C GLU A 255 6.24 5.85 13.86
N GLN A 256 6.23 6.05 15.17
CA GLN A 256 6.71 5.06 16.13
C GLN A 256 5.61 4.12 16.65
N VAL A 257 4.50 4.70 17.05
CA VAL A 257 3.42 3.96 17.67
C VAL A 257 2.73 2.98 16.76
N ILE A 258 2.42 3.39 15.54
CA ILE A 258 1.61 2.52 14.69
C ILE A 258 2.37 1.23 14.32
N PRO A 259 3.65 1.33 13.88
CA PRO A 259 4.40 0.09 13.65
C PRO A 259 4.49 -0.78 14.90
N GLN A 260 4.74 -0.17 16.06
CA GLN A 260 4.87 -0.95 17.29
C GLN A 260 3.56 -1.70 17.65
N VAL A 261 2.44 -0.99 17.59
CA VAL A 261 1.16 -1.60 17.94
C VAL A 261 0.73 -2.63 16.92
N CYS A 262 1.03 -2.41 15.64
CA CYS A 262 0.80 -3.44 14.63
C CYS A 262 1.50 -4.75 14.99
N GLU A 263 2.76 -4.66 15.42
CA GLU A 263 3.46 -5.85 15.90
C GLU A 263 2.83 -6.47 17.15
N GLU A 264 2.44 -5.65 18.13
CA GLU A 264 1.72 -6.12 19.34
C GLU A 264 0.39 -6.83 18.99
N LEU A 265 -0.27 -6.40 17.93
CA LEU A 265 -1.57 -6.99 17.53
C LEU A 265 -1.43 -8.15 16.53
N ASN A 266 -0.20 -8.55 16.22
CA ASN A 266 0.06 -9.57 15.25
C ASN A 266 -0.61 -9.25 13.91
N ALA A 267 -0.39 -8.02 13.43
CA ALA A 267 -0.96 -7.61 12.17
C ALA A 267 -0.29 -8.36 11.01
N GLY A 268 -1.14 -8.87 10.12
CA GLY A 268 -0.67 -9.28 8.80
C GLY A 268 -0.52 -8.08 7.88
N ILE A 269 -1.31 -7.04 8.12
CA ILE A 269 -1.34 -5.90 7.22
C ILE A 269 -1.80 -4.67 7.97
N VAL A 270 -1.22 -3.52 7.61
CA VAL A 270 -1.76 -2.24 8.03
C VAL A 270 -2.34 -1.51 6.83
N VAL A 271 -3.52 -0.90 7.03
CA VAL A 271 -4.17 -0.15 6.01
C VAL A 271 -4.12 1.34 6.37
N LEU A 272 -3.62 2.17 5.45
CA LEU A 272 -3.20 3.54 5.72
C LEU A 272 -3.69 4.46 4.60
N GLY A 273 -4.18 5.63 4.96
CA GLY A 273 -4.58 6.62 3.98
C GLY A 273 -3.35 7.48 3.70
N ILE A 274 -3.11 7.76 2.44
CA ILE A 274 -2.04 8.68 2.05
C ILE A 274 -2.58 9.64 1.03
N LEU A 275 -2.08 10.87 1.05
CA LEU A 275 -2.60 11.84 0.08
C LEU A 275 -1.65 12.19 -1.08
N GLY A 276 -2.14 13.06 -1.96
CA GLY A 276 -1.33 13.78 -2.96
C GLY A 276 -1.24 15.28 -2.70
N ARG A 277 -2.32 15.86 -2.19
CA ARG A 277 -2.37 17.27 -1.74
C ARG A 277 -1.01 17.72 -1.23
N THR A 278 -0.51 18.85 -1.74
CA THR A 278 0.79 19.42 -1.33
C THR A 278 0.55 20.76 -0.62
N GLY A 279 1.34 21.05 0.43
CA GLY A 279 1.18 22.31 1.16
C GLY A 279 2.48 22.83 1.74
N ALA A 282 -1.05 20.33 4.14
CA ALA A 282 -0.77 19.12 4.91
C ALA A 282 0.57 18.51 4.50
N ALA A 283 1.60 19.33 4.34
CA ALA A 283 2.93 18.79 4.04
C ALA A 283 3.43 17.89 5.19
N PHE A 284 3.11 18.20 6.44
CA PHE A 284 3.57 17.37 7.58
C PHE A 284 2.96 15.95 7.58
N LEU A 285 1.79 15.80 6.96
CA LEU A 285 1.17 14.49 6.92
C LEU A 285 1.97 13.50 6.06
N GLY A 286 2.39 13.92 4.85
CA GLY A 286 3.30 13.13 4.01
C GLY A 286 4.64 12.84 4.67
N ASN A 287 5.17 13.81 5.40
CA ASN A 287 6.34 13.58 6.30
C ASN A 287 6.15 12.42 7.32
N THR A 288 5.13 12.53 8.16
CA THR A 288 4.80 11.48 9.14
C THR A 288 4.57 10.13 8.48
N ALA A 289 3.82 10.17 7.39
CA ALA A 289 3.39 8.99 6.64
C ALA A 289 4.58 8.25 6.09
N GLU A 290 5.56 8.99 5.55
CA GLU A 290 6.74 8.36 4.95
CA GLU A 290 6.72 8.36 4.96
C GLU A 290 7.62 7.71 6.03
N GLN A 291 7.77 8.35 7.17
CA GLN A 291 8.50 7.74 8.29
C GLN A 291 7.78 6.50 8.85
N LEU A 292 6.47 6.59 8.91
CA LEU A 292 5.66 5.45 9.39
C LEU A 292 5.84 4.24 8.47
N ILE A 293 5.68 4.47 7.17
CA ILE A 293 5.78 3.42 6.18
C ILE A 293 7.16 2.81 6.23
N ASP A 294 8.17 3.67 6.39
CA ASP A 294 9.55 3.29 6.34
C ASP A 294 9.90 2.42 7.54
N HIS A 295 9.01 2.31 8.52
CA HIS A 295 9.28 1.48 9.71
C HIS A 295 8.30 0.35 9.94
N ILE A 296 7.44 0.09 8.97
CA ILE A 296 6.45 -0.96 9.09
C ILE A 296 7.14 -2.33 8.94
N LYS A 297 6.63 -3.33 9.65
CA LYS A 297 7.17 -4.68 9.66
C LYS A 297 6.14 -5.72 9.17
N CYS A 298 5.08 -5.25 8.56
CA CYS A 298 4.06 -6.13 8.00
C CYS A 298 3.66 -5.58 6.65
N ASP A 299 2.72 -6.24 5.96
CA ASP A 299 2.21 -5.74 4.69
C ASP A 299 1.62 -4.35 4.86
N LEU A 300 1.57 -3.61 3.77
CA LEU A 300 0.98 -2.29 3.76
C LEU A 300 -0.03 -2.22 2.63
N LEU A 301 -1.22 -1.72 2.92
CA LEU A 301 -2.19 -1.35 1.92
C LEU A 301 -2.43 0.15 2.01
N ALA A 302 -1.92 0.88 1.01
CA ALA A 302 -1.97 2.35 0.97
C ALA A 302 -3.05 2.83 0.02
N ILE A 303 -3.95 3.65 0.53
CA ILE A 303 -5.13 4.03 -0.21
C ILE A 303 -5.19 5.55 -0.27
N LYS A 304 -5.53 6.05 -1.46
CA LYS A 304 -5.66 7.48 -1.72
C LYS A 304 -7.10 7.90 -1.63
N PRO A 305 -7.33 9.19 -1.43
CA PRO A 305 -8.73 9.64 -1.41
C PRO A 305 -9.39 9.63 -2.79
N ASP A 306 -10.72 9.58 -2.79
CA ASP A 306 -11.47 9.67 -4.04
C ASP A 306 -11.07 10.89 -4.87
N GLY A 307 -10.87 12.02 -4.22
CA GLY A 307 -10.41 13.22 -4.92
C GLY A 307 -9.08 13.16 -5.68
N PHE A 308 -8.25 12.14 -5.40
CA PHE A 308 -6.85 12.10 -5.84
C PHE A 308 -6.73 12.47 -7.31
N THR A 309 -5.75 13.35 -7.58
CA THR A 309 -5.35 13.67 -8.95
C THR A 309 -3.94 13.14 -9.15
N CYS A 310 -3.82 12.14 -10.02
CA CYS A 310 -2.53 11.55 -10.32
C CYS A 310 -1.67 12.51 -11.15
N PRO A 311 -0.41 12.75 -10.74
CA PRO A 311 0.46 13.62 -11.56
C PRO A 311 0.72 13.03 -12.95
N ILE A 312 0.61 11.70 -13.07
CA ILE A 312 0.74 11.03 -14.37
C ILE A 312 -0.61 10.92 -15.10
N THR A 313 -0.59 11.21 -16.40
CA THR A 313 -1.79 11.12 -17.24
C THR A 313 -1.42 10.46 -18.58
N VAL A 314 -2.39 9.79 -19.19
CA VAL A 314 -2.12 8.95 -20.38
C VAL A 314 -2.48 9.62 -21.70
C4 U20 B . 1.46 -20.85 1.62
C5 U20 B . 2.54 -21.80 1.11
C6 U20 B . 3.35 -22.48 2.22
N2 U20 B . -0.08 -20.44 -1.85
C3 U20 B . 0.79 -20.17 0.43
CCB U20 B . -8.10 -5.56 3.50
CCA U20 B . -6.95 -6.39 3.00
CBZ U20 B . -6.69 -7.60 3.89
CBY U20 B . -7.35 -8.87 3.36
CBX U20 B . -6.76 -10.09 4.04
CBW U20 B . -5.66 -10.71 3.20
CBV U20 B . -5.23 -12.05 3.78
CBU U20 B . -4.13 -12.71 2.95
CBS U20 B . -3.71 -14.01 3.60
CBR U20 B . -2.63 -14.69 2.78
CBL U20 B . -2.27 -16.05 3.35
CBJ U20 B . -1.06 -16.63 2.64
OCC U20 B . -0.53 -17.71 3.39
CBI U20 B . -1.43 -17.13 1.25
CAM U20 B . -0.28 -17.97 0.72
OAY U20 B . 0.66 -17.47 0.15
O3 U20 B . -0.32 -19.42 0.90
C2 U20 B . 0.30 -21.15 -0.63
CAP U20 B . -1.32 -20.04 -2.12
CAQ U20 B . -1.58 -19.38 -3.46
OAR U20 B . -2.24 -20.19 -1.34
O4 U20 B . 2.05 -19.85 2.48
O6 U20 B . 2.48 -23.25 3.07
O5 U20 B . 1.89 -22.77 0.29
C1 U20 B . 1.39 -22.19 -0.92
O1 U20 B . 2.48 -21.55 -1.62
PAO U20 B . 3.44 -22.36 -2.66
OAT U20 B . 3.95 -23.60 -1.94
OAS U20 B . 4.51 -21.42 -3.18
OAN U20 B . 2.36 -22.76 -3.77
PAU U20 B . 1.59 -21.83 -4.80
OAW U20 B . 1.66 -20.36 -4.38
OAV U20 B . 0.22 -22.38 -5.13
O5' U20 B . 2.55 -22.00 -6.10
C5' U20 B . 2.28 -23.04 -7.06
C4' U20 B . 3.61 -23.47 -7.64
O4' U20 B . 4.07 -22.44 -8.54
C3' U20 B . 4.69 -23.65 -6.58
O3' U20 B . 5.46 -24.82 -6.84
C2' U20 B . 5.55 -22.42 -6.74
O2' U20 B . 6.92 -22.61 -6.38
C1' U20 B . 5.43 -22.12 -8.23
NAX U20 B . 5.72 -20.69 -8.40
CBP U20 B . 4.91 -19.76 -7.83
CBO U20 B . 5.18 -18.39 -7.96
CBN U20 B . 6.31 -18.01 -8.69
OBQ U20 B . 6.59 -16.80 -8.84
NBM U20 B . 7.10 -18.95 -9.23
CBK U20 B . 6.86 -20.26 -9.13
OBT U20 B . 7.63 -21.10 -9.66
C1 GOL C . 8.62 29.20 24.17
O1 GOL C . 8.84 30.61 24.16
C2 GOL C . 8.25 28.74 25.57
O2 GOL C . 6.99 29.39 25.91
C3 GOL C . 8.15 27.22 25.52
O3 GOL C . 7.93 26.65 26.80
CL CL D . -9.63 -17.89 5.84
C1 GOL E . -0.94 9.40 11.60
O1 GOL E . -1.09 10.81 11.40
C2 GOL E . -1.96 8.64 10.76
O2 GOL E . -1.96 7.29 11.19
C3 GOL E . -1.60 8.68 9.27
O3 GOL E . -2.78 8.47 8.47
S SO4 F . -5.82 -0.63 23.78
O1 SO4 F . -4.85 -1.22 22.84
O2 SO4 F . -5.18 -0.55 25.12
O3 SO4 F . -7.00 -1.51 23.82
O4 SO4 F . -6.22 0.73 23.38
#